data_6AQU
#
_entry.id   6AQU
#
_cell.length_a   132.500
_cell.length_b   132.500
_cell.length_c   115.820
_cell.angle_alpha   90.00
_cell.angle_beta   90.00
_cell.angle_gamma   90.00
#
_symmetry.space_group_name_H-M   'I 41 2 2'
#
loop_
_entity.id
_entity.type
_entity.pdbx_description
1 polymer 'Purine nucleoside phosphorylase'
2 non-polymer 'PHOSPHATE ION'
3 water water
#
_entity_poly.entity_id   1
_entity_poly.type   'polypeptide(L)'
_entity_poly.pdbx_seq_one_letter_code
;GSMDNLLRHLKISKEQITPVVLVVGDPGRVDKIKVVCDSYVDLAYNREYKSVECHYKGQKFLCVSHGVGSAGCAVCFEEL
CQNGAKVIIRAGSCGSLQPDLIKRGDICICNAAVREDRVSHLLIHGDFPAVGDFDVYDTLNKCAQELNVPVFNGISVSSD
MYYPNKIIPSRLEDYSKANAAVVELELATLMVIGTLRKVKTGGILIVDGCPFKWDEGDFDNNLVPHQLENMIKIALGACA
KLATKYA
;
_entity_poly.pdbx_strand_id   A,B
#
loop_
_chem_comp.id
_chem_comp.type
_chem_comp.name
_chem_comp.formula
PO4 non-polymer 'PHOSPHATE ION' 'O4 P -3'
#
# COMPACT_ATOMS: atom_id res chain seq x y z
N ASN A 5 27.51 -12.31 -22.63
CA ASN A 5 26.04 -12.05 -22.67
C ASN A 5 25.32 -12.58 -21.42
N LEU A 6 25.92 -12.40 -20.24
CA LEU A 6 25.40 -12.94 -18.97
C LEU A 6 25.42 -11.91 -17.84
N LEU A 7 24.68 -12.21 -16.76
CA LEU A 7 24.61 -11.35 -15.55
C LEU A 7 25.64 -11.74 -14.50
N ARG A 8 25.95 -10.78 -13.65
CA ARG A 8 27.12 -10.86 -12.76
C ARG A 8 26.87 -11.83 -11.59
N HIS A 9 25.99 -11.46 -10.66
CA HIS A 9 25.80 -12.25 -9.43
C HIS A 9 24.84 -13.44 -9.58
N LEU A 10 24.01 -13.45 -10.63
CA LEU A 10 23.03 -14.51 -10.88
C LEU A 10 23.52 -15.60 -11.84
N LYS A 11 24.38 -15.21 -12.78
CA LYS A 11 24.98 -16.13 -13.75
C LYS A 11 23.96 -16.68 -14.72
N ILE A 12 23.03 -15.85 -15.17
CA ILE A 12 22.05 -16.28 -16.18
C ILE A 12 21.85 -15.20 -17.21
N SER A 13 21.28 -15.59 -18.34
CA SER A 13 21.10 -14.68 -19.45
C SER A 13 19.92 -13.74 -19.20
N LYS A 14 20.02 -12.52 -19.72
CA LYS A 14 18.89 -11.59 -19.77
C LYS A 14 17.70 -12.16 -20.56
N GLU A 15 18.00 -13.01 -21.53
CA GLU A 15 16.99 -13.76 -22.28
C GLU A 15 16.19 -14.67 -21.34
N GLN A 16 16.92 -15.36 -20.47
CA GLN A 16 16.32 -16.29 -19.48
C GLN A 16 15.46 -15.61 -18.40
N ILE A 17 15.68 -14.31 -18.14
CA ILE A 17 14.90 -13.61 -17.12
C ILE A 17 13.44 -13.38 -17.55
N THR A 18 12.52 -13.88 -16.74
CA THR A 18 11.08 -13.82 -17.01
C THR A 18 10.47 -12.55 -16.40
N PRO A 19 9.30 -12.11 -16.92
CA PRO A 19 8.56 -10.99 -16.35
C PRO A 19 8.33 -11.12 -14.86
N VAL A 20 7.85 -12.30 -14.45
CA VAL A 20 7.54 -12.60 -13.07
C VAL A 20 8.67 -13.42 -12.50
N VAL A 21 9.10 -13.05 -11.30
CA VAL A 21 10.15 -13.77 -10.60
C VAL A 21 9.74 -13.94 -9.16
N LEU A 22 10.04 -15.12 -8.63
CA LEU A 22 9.73 -15.48 -7.26
C LEU A 22 11.05 -15.61 -6.53
N VAL A 23 11.19 -14.90 -5.42
CA VAL A 23 12.49 -14.82 -4.75
C VAL A 23 12.35 -15.42 -3.37
N VAL A 24 13.28 -16.31 -3.04
CA VAL A 24 13.28 -17.01 -1.75
C VAL A 24 14.65 -16.90 -1.06
N GLY A 25 14.74 -17.39 0.17
CA GLY A 25 15.93 -17.26 1.00
C GLY A 25 16.97 -18.34 0.79
N ASP A 26 16.68 -19.52 1.34
CA ASP A 26 17.56 -20.69 1.30
C ASP A 26 17.53 -21.31 -0.11
N PRO A 27 18.71 -21.58 -0.72
CA PRO A 27 18.71 -22.27 -2.03
C PRO A 27 18.11 -23.67 -2.07
N GLY A 28 18.02 -24.33 -0.92
CA GLY A 28 17.34 -25.63 -0.82
C GLY A 28 15.84 -25.52 -0.96
N ARG A 29 15.27 -24.42 -0.47
CA ARG A 29 13.86 -24.10 -0.66
C ARG A 29 13.50 -23.93 -2.15
N VAL A 30 14.46 -23.50 -2.98
CA VAL A 30 14.27 -23.47 -4.43
C VAL A 30 14.17 -24.88 -5.01
N ASP A 31 15.05 -25.78 -4.55
CA ASP A 31 14.95 -27.19 -4.95
C ASP A 31 13.61 -27.81 -4.55
N LYS A 32 13.08 -27.43 -3.39
CA LYS A 32 11.78 -27.93 -2.91
C LYS A 32 10.56 -27.38 -3.67
N ILE A 33 10.76 -26.29 -4.42
CA ILE A 33 9.70 -25.66 -5.22
C ILE A 33 9.68 -26.18 -6.66
N LYS A 34 10.85 -26.30 -7.27
CA LYS A 34 10.93 -26.78 -8.66
C LYS A 34 10.23 -28.13 -8.82
N VAL A 35 10.41 -29.02 -7.84
CA VAL A 35 9.81 -30.35 -7.84
C VAL A 35 8.28 -30.29 -7.84
N VAL A 36 7.75 -29.34 -7.06
CA VAL A 36 6.31 -29.12 -6.92
C VAL A 36 5.65 -28.57 -8.19
N CYS A 37 6.42 -27.92 -9.06
CA CYS A 37 5.89 -27.38 -10.31
C CYS A 37 5.54 -28.48 -11.29
N ASP A 38 4.90 -28.09 -12.38
CA ASP A 38 4.53 -29.00 -13.46
C ASP A 38 5.78 -29.49 -14.17
N SER A 39 6.64 -28.54 -14.55
CA SER A 39 8.01 -28.85 -14.98
C SER A 39 8.95 -27.70 -14.60
N TYR A 40 10.25 -27.91 -14.86
CA TYR A 40 11.26 -26.90 -14.60
C TYR A 40 12.55 -27.10 -15.40
N VAL A 41 13.35 -26.04 -15.45
CA VAL A 41 14.69 -26.07 -16.03
C VAL A 41 15.62 -25.34 -15.06
N ASP A 42 16.70 -25.98 -14.66
CA ASP A 42 17.75 -25.31 -13.89
C ASP A 42 18.52 -24.34 -14.80
N LEU A 43 18.83 -23.15 -14.28
CA LEU A 43 19.59 -22.15 -15.04
C LEU A 43 21.04 -21.99 -14.57
N ALA A 44 21.27 -21.90 -13.26
CA ALA A 44 22.61 -21.69 -12.67
C ALA A 44 22.64 -21.81 -11.14
N TYR A 45 23.85 -21.90 -10.57
CA TYR A 45 24.06 -21.92 -9.11
C TYR A 45 25.41 -21.30 -8.79
N ASN A 46 25.42 -20.26 -7.95
CA ASN A 46 26.61 -19.42 -7.77
C ASN A 46 26.79 -18.95 -6.32
N ARG A 47 27.56 -19.71 -5.55
CA ARG A 47 27.87 -19.39 -4.15
C ARG A 47 26.64 -19.43 -3.25
N GLU A 48 25.72 -18.49 -3.45
CA GLU A 48 24.43 -18.49 -2.74
C GLU A 48 23.19 -18.23 -3.64
N TYR A 49 23.36 -18.18 -4.96
CA TYR A 49 22.34 -17.69 -5.91
C TYR A 49 21.85 -18.78 -6.91
N LYS A 50 20.88 -19.59 -6.48
CA LYS A 50 20.27 -20.63 -7.35
C LYS A 50 19.13 -20.05 -8.17
N SER A 51 19.10 -20.33 -9.48
CA SER A 51 18.03 -19.86 -10.38
C SER A 51 17.46 -20.99 -11.26
N VAL A 52 16.13 -21.18 -11.16
CA VAL A 52 15.41 -22.24 -11.90
C VAL A 52 14.24 -21.61 -12.64
N GLU A 53 14.03 -22.02 -13.90
CA GLU A 53 12.83 -21.66 -14.66
C GLU A 53 11.70 -22.60 -14.25
N CYS A 54 10.59 -22.06 -13.77
CA CYS A 54 9.44 -22.87 -13.29
C CYS A 54 8.30 -22.81 -14.27
N HIS A 55 7.81 -23.96 -14.68
CA HIS A 55 6.57 -24.03 -15.47
C HIS A 55 5.45 -24.48 -14.55
N TYR A 56 4.38 -23.69 -14.47
CA TYR A 56 3.24 -24.00 -13.60
C TYR A 56 1.99 -23.29 -14.08
N LYS A 57 0.85 -23.97 -13.93
CA LYS A 57 -0.46 -23.60 -14.54
C LYS A 57 -0.38 -22.89 -15.92
N GLY A 58 0.45 -23.42 -16.80
CA GLY A 58 0.57 -22.92 -18.17
C GLY A 58 1.63 -21.86 -18.39
N GLN A 59 2.16 -21.29 -17.30
CA GLN A 59 3.03 -20.12 -17.35
C GLN A 59 4.44 -20.46 -16.95
N LYS A 60 5.37 -19.59 -17.32
CA LYS A 60 6.81 -19.75 -17.09
C LYS A 60 7.37 -18.54 -16.32
N PHE A 61 8.04 -18.80 -15.21
CA PHE A 61 8.62 -17.76 -14.36
C PHE A 61 9.82 -18.23 -13.55
N LEU A 62 10.77 -17.33 -13.31
CA LEU A 62 11.95 -17.67 -12.53
C LEU A 62 11.66 -17.84 -11.05
N CYS A 63 12.36 -18.77 -10.44
CA CYS A 63 12.47 -18.86 -9.00
C CYS A 63 13.96 -18.76 -8.67
N VAL A 64 14.31 -17.89 -7.72
CA VAL A 64 15.71 -17.51 -7.48
C VAL A 64 15.95 -17.30 -5.99
N SER A 65 17.11 -17.73 -5.50
CA SER A 65 17.51 -17.55 -4.11
C SER A 65 18.69 -16.57 -4.00
N HIS A 66 19.07 -16.21 -2.77
CA HIS A 66 20.31 -15.41 -2.52
C HIS A 66 20.99 -15.59 -1.14
N GLY A 67 20.49 -16.50 -0.29
CA GLY A 67 21.04 -16.69 1.08
C GLY A 67 20.03 -16.37 2.18
N VAL A 68 20.32 -16.88 3.37
CA VAL A 68 19.41 -16.79 4.52
C VAL A 68 19.50 -15.43 5.22
N GLY A 72 23.07 -9.75 0.50
CA GLY A 72 23.01 -10.28 -0.87
C GLY A 72 21.70 -10.05 -1.62
N CYS A 73 20.63 -9.79 -0.87
CA CYS A 73 19.32 -9.60 -1.46
C CYS A 73 19.24 -8.35 -2.31
N ALA A 74 19.82 -7.26 -1.81
CA ALA A 74 19.81 -5.98 -2.51
C ALA A 74 20.32 -6.10 -3.93
N VAL A 75 21.46 -6.78 -4.08
CA VAL A 75 22.07 -6.95 -5.39
C VAL A 75 21.23 -7.90 -6.26
N CYS A 76 20.64 -8.90 -5.61
CA CYS A 76 19.70 -9.79 -6.28
C CYS A 76 18.53 -9.02 -6.86
N PHE A 77 17.85 -8.24 -6.01
CA PHE A 77 16.71 -7.43 -6.48
C PHE A 77 17.13 -6.42 -7.53
N GLU A 78 18.30 -5.80 -7.31
CA GLU A 78 18.83 -4.83 -8.26
C GLU A 78 18.98 -5.48 -9.62
N GLU A 79 19.68 -6.62 -9.62
CA GLU A 79 20.01 -7.32 -10.85
C GLU A 79 18.73 -7.68 -11.63
N LEU A 80 17.75 -8.23 -10.92
CA LEU A 80 16.47 -8.58 -11.53
C LEU A 80 15.73 -7.38 -12.08
N CYS A 81 15.69 -6.28 -11.33
CA CYS A 81 14.96 -5.09 -11.82
C CYS A 81 15.61 -4.47 -13.05
N GLN A 82 16.95 -4.41 -13.06
CA GLN A 82 17.72 -3.92 -14.21
C GLN A 82 17.36 -4.69 -15.49
N ASN A 83 17.36 -6.02 -15.39
CA ASN A 83 17.38 -6.89 -16.57
C ASN A 83 16.07 -7.58 -16.95
N GLY A 84 14.93 -6.91 -16.71
CA GLY A 84 13.65 -7.34 -17.30
C GLY A 84 12.51 -7.75 -16.39
N ALA A 85 12.78 -8.06 -15.10
CA ALA A 85 11.71 -8.42 -14.16
C ALA A 85 10.70 -7.30 -14.09
N LYS A 86 9.43 -7.65 -14.25
CA LYS A 86 8.29 -6.75 -14.15
C LYS A 86 7.53 -6.93 -12.85
N VAL A 87 7.60 -8.14 -12.28
CA VAL A 87 6.94 -8.49 -11.03
C VAL A 87 7.92 -9.31 -10.23
N ILE A 88 7.99 -9.06 -8.92
CA ILE A 88 8.88 -9.81 -8.05
C ILE A 88 8.16 -10.04 -6.74
N ILE A 89 8.16 -11.28 -6.28
CA ILE A 89 7.49 -11.64 -5.04
C ILE A 89 8.48 -12.37 -4.19
N ARG A 90 8.51 -11.99 -2.91
CA ARG A 90 9.33 -12.64 -1.91
C ARG A 90 8.46 -13.58 -1.07
N ALA A 91 8.85 -14.85 -1.01
CA ALA A 91 8.24 -15.84 -0.11
C ALA A 91 9.28 -16.36 0.86
N GLY A 92 8.96 -16.33 2.14
CA GLY A 92 9.92 -16.71 3.16
C GLY A 92 9.29 -16.73 4.53
N SER A 93 10.13 -16.61 5.55
CA SER A 93 9.70 -16.71 6.94
C SER A 93 9.82 -15.38 7.63
N CYS A 94 9.19 -15.29 8.79
CA CYS A 94 9.17 -14.05 9.58
C CYS A 94 8.83 -14.36 11.04
N GLY A 95 8.80 -13.32 11.87
CA GLY A 95 8.38 -13.45 13.25
C GLY A 95 7.09 -12.70 13.51
N SER A 96 6.19 -13.30 14.29
CA SER A 96 4.95 -12.64 14.66
C SER A 96 5.28 -11.48 15.60
N LEU A 97 4.67 -10.33 15.36
CA LEU A 97 4.68 -9.23 16.31
C LEU A 97 3.32 -9.05 16.95
N GLN A 98 2.40 -9.99 16.73
CA GLN A 98 1.10 -10.00 17.40
C GLN A 98 0.87 -11.41 17.93
N PRO A 99 1.62 -11.80 18.99
CA PRO A 99 1.61 -13.18 19.51
C PRO A 99 0.24 -13.76 19.81
N ASP A 100 -0.66 -12.96 20.39
CA ASP A 100 -2.01 -13.43 20.73
C ASP A 100 -2.85 -13.76 19.49
N LEU A 101 -2.72 -12.94 18.43
CA LEU A 101 -3.45 -13.15 17.17
C LEU A 101 -2.70 -14.08 16.19
N ILE A 102 -1.49 -13.65 15.81
CA ILE A 102 -0.70 -14.32 14.79
C ILE A 102 0.24 -15.33 15.45
N LYS A 103 0.06 -16.60 15.10
CA LYS A 103 0.75 -17.73 15.77
C LYS A 103 1.68 -18.47 14.83
N ARG A 104 2.73 -19.08 15.40
CA ARG A 104 3.66 -19.93 14.64
C ARG A 104 2.89 -20.87 13.72
N GLY A 105 3.15 -20.79 12.41
CA GLY A 105 2.41 -21.54 11.39
C GLY A 105 1.52 -20.67 10.50
N ASP A 106 1.08 -19.53 11.00
CA ASP A 106 0.20 -18.65 10.22
C ASP A 106 0.93 -17.98 9.03
N ILE A 107 0.15 -17.69 7.98
CA ILE A 107 0.67 -17.12 6.76
C ILE A 107 0.26 -15.65 6.71
N CYS A 108 1.18 -14.79 6.25
CA CYS A 108 0.92 -13.35 6.15
C CYS A 108 1.32 -12.82 4.79
N ILE A 109 0.38 -12.14 4.15
CA ILE A 109 0.64 -11.47 2.89
C ILE A 109 0.82 -10.03 3.30
N CYS A 110 1.92 -9.42 2.87
CA CYS A 110 2.27 -8.07 3.29
C CYS A 110 2.21 -7.07 2.15
N ASN A 111 1.56 -5.94 2.40
CA ASN A 111 1.37 -4.86 1.43
C ASN A 111 2.35 -3.69 1.62
N ALA A 112 3.03 -3.63 2.77
CA ALA A 112 3.97 -2.56 3.07
C ALA A 112 4.94 -2.97 4.19
N ALA A 113 6.02 -2.19 4.37
CA ALA A 113 7.01 -2.54 5.38
C ALA A 113 7.67 -1.37 6.07
N VAL A 114 8.17 -1.63 7.28
CA VAL A 114 8.93 -0.66 8.05
C VAL A 114 10.38 -0.73 7.61
N ARG A 115 10.90 0.40 7.15
CA ARG A 115 12.28 0.52 6.65
C ARG A 115 13.36 0.58 7.76
N GLU A 116 13.60 -0.54 8.44
CA GLU A 116 14.71 -0.69 9.39
C GLU A 116 15.87 -1.43 8.74
N ASP A 117 16.18 -1.06 7.50
CA ASP A 117 17.12 -1.81 6.65
C ASP A 117 18.18 -0.87 6.11
N ARG A 118 19.44 -1.29 6.16
CA ARG A 118 20.52 -0.42 5.67
C ARG A 118 20.23 0.08 4.27
N VAL A 119 20.00 -0.85 3.36
CA VAL A 119 20.07 -0.57 1.92
C VAL A 119 19.03 0.44 1.40
N SER A 120 17.77 0.37 1.85
CA SER A 120 16.77 1.28 1.28
C SER A 120 17.10 2.74 1.59
N HIS A 121 17.71 2.97 2.76
CA HIS A 121 18.07 4.32 3.20
C HIS A 121 19.22 4.90 2.38
N LEU A 122 20.14 4.06 1.94
CA LEU A 122 21.14 4.47 0.94
C LEU A 122 20.57 4.95 -0.40
N LEU A 123 19.31 4.62 -0.69
CA LEU A 123 18.70 4.90 -2.00
C LEU A 123 17.73 6.06 -2.01
N ILE A 124 17.02 6.27 -0.90
CA ILE A 124 16.07 7.37 -0.79
C ILE A 124 15.81 7.67 0.69
N HIS A 125 15.42 8.90 0.98
CA HIS A 125 15.12 9.34 2.35
C HIS A 125 14.07 8.43 3.00
N GLY A 126 14.31 8.07 4.25
CA GLY A 126 13.43 7.20 5.05
C GLY A 126 11.94 7.50 5.09
N ASP A 127 11.56 8.75 4.84
CA ASP A 127 10.16 9.15 4.72
C ASP A 127 9.38 8.49 3.58
N PHE A 128 10.11 8.07 2.54
CA PHE A 128 9.54 7.43 1.37
C PHE A 128 9.02 6.03 1.76
N PRO A 129 7.75 5.74 1.41
CA PRO A 129 7.12 4.50 1.86
C PRO A 129 7.65 3.26 1.17
N ALA A 130 7.90 2.21 1.94
CA ALA A 130 8.09 0.88 1.40
C ALA A 130 6.68 0.27 1.27
N VAL A 131 6.20 0.21 0.03
CA VAL A 131 4.87 -0.28 -0.29
C VAL A 131 4.84 -1.14 -1.58
N GLY A 132 4.08 -2.23 -1.52
CA GLY A 132 4.04 -3.20 -2.62
C GLY A 132 2.99 -2.81 -3.63
N ASP A 133 2.98 -3.52 -4.76
CA ASP A 133 1.96 -3.33 -5.80
C ASP A 133 0.64 -3.88 -5.34
N PHE A 134 -0.44 -3.17 -5.63
CA PHE A 134 -1.79 -3.60 -5.25
C PHE A 134 -2.20 -4.90 -5.93
N ASP A 135 -1.98 -4.95 -7.25
CA ASP A 135 -2.47 -6.09 -8.00
C ASP A 135 -1.70 -7.37 -7.64
N VAL A 136 -0.45 -7.23 -7.20
CA VAL A 136 0.29 -8.37 -6.65
C VAL A 136 -0.31 -8.85 -5.33
N TYR A 137 -0.67 -7.91 -4.48
CA TYR A 137 -1.33 -8.21 -3.19
C TYR A 137 -2.72 -8.85 -3.40
N ASP A 138 -3.47 -8.32 -4.37
CA ASP A 138 -4.80 -8.84 -4.69
C ASP A 138 -4.70 -10.29 -5.16
N THR A 139 -3.78 -10.51 -6.10
CA THR A 139 -3.50 -11.82 -6.67
C THR A 139 -3.09 -12.87 -5.65
N LEU A 140 -2.31 -12.48 -4.65
CA LEU A 140 -1.91 -13.40 -3.60
C LEU A 140 -3.10 -13.78 -2.74
N ASN A 141 -3.90 -12.78 -2.35
CA ASN A 141 -5.08 -13.02 -1.52
C ASN A 141 -6.10 -13.98 -2.19
N LYS A 142 -6.36 -13.73 -3.47
CA LYS A 142 -7.31 -14.53 -4.25
C LYS A 142 -6.88 -15.97 -4.43
N CYS A 143 -5.59 -16.22 -4.65
CA CYS A 143 -5.09 -17.58 -4.64
C CYS A 143 -5.29 -18.24 -3.28
N ALA A 144 -5.01 -17.51 -2.20
CA ALA A 144 -5.10 -18.11 -0.87
C ALA A 144 -6.54 -18.45 -0.49
N GLN A 145 -7.47 -17.60 -0.92
CA GLN A 145 -8.90 -17.86 -0.69
C GLN A 145 -9.42 -18.91 -1.67
N GLU A 146 -9.03 -18.86 -2.94
CA GLU A 146 -9.36 -19.92 -3.92
C GLU A 146 -9.01 -21.32 -3.44
N LEU A 147 -7.94 -21.44 -2.66
CA LEU A 147 -7.54 -22.72 -2.08
C LEU A 147 -8.01 -22.82 -0.60
N ASN A 148 -9.00 -22.00 -0.24
CA ASN A 148 -9.55 -21.96 1.14
C ASN A 148 -8.46 -22.11 2.18
N VAL A 149 -7.51 -21.18 2.13
CA VAL A 149 -6.40 -21.13 3.08
C VAL A 149 -6.53 -19.78 3.78
N PRO A 150 -6.69 -19.79 5.11
CA PRO A 150 -6.79 -18.52 5.82
C PRO A 150 -5.41 -17.86 5.90
N VAL A 151 -5.38 -16.54 5.70
CA VAL A 151 -4.12 -15.79 5.66
C VAL A 151 -4.32 -14.45 6.32
N PHE A 152 -3.29 -13.97 7.00
CA PHE A 152 -3.32 -12.62 7.53
C PHE A 152 -2.77 -11.64 6.49
N ASN A 153 -3.21 -10.40 6.62
CA ASN A 153 -2.68 -9.33 5.84
C ASN A 153 -2.16 -8.28 6.81
N GLY A 154 -0.99 -7.72 6.51
CA GLY A 154 -0.46 -6.61 7.28
C GLY A 154 0.94 -6.14 6.92
N ILE A 155 1.48 -5.32 7.81
CA ILE A 155 2.75 -4.65 7.60
C ILE A 155 3.89 -5.44 8.22
N SER A 156 5.02 -5.50 7.50
CA SER A 156 6.20 -6.16 8.01
C SER A 156 7.22 -5.14 8.49
N VAL A 157 7.93 -5.49 9.55
CA VAL A 157 9.12 -4.74 9.96
C VAL A 157 10.31 -5.42 9.28
N SER A 158 10.92 -4.75 8.32
CA SER A 158 12.12 -5.30 7.66
C SER A 158 13.33 -4.81 8.42
N SER A 159 13.90 -5.67 9.29
CA SER A 159 15.08 -5.29 10.12
C SER A 159 16.29 -6.22 9.88
N ASP A 160 17.46 -5.64 9.61
CA ASP A 160 18.58 -6.44 9.02
C ASP A 160 19.45 -7.25 10.00
N MET A 161 19.15 -7.16 11.28
CA MET A 161 19.77 -8.03 12.30
C MET A 161 18.72 -8.97 12.91
N TYR A 162 17.92 -8.42 13.83
CA TYR A 162 17.10 -9.16 14.80
C TYR A 162 17.46 -10.65 14.97
N SER A 170 12.40 -4.43 21.12
CA SER A 170 13.28 -3.29 20.93
C SER A 170 12.37 -2.09 20.57
N ARG A 171 12.71 -1.38 19.49
CA ARG A 171 11.73 -0.66 18.66
C ARG A 171 10.61 -1.57 18.17
N LEU A 172 10.93 -2.83 17.92
CA LEU A 172 9.93 -3.85 17.59
C LEU A 172 8.70 -3.85 18.48
N GLU A 173 8.85 -3.49 19.75
CA GLU A 173 7.71 -3.29 20.62
C GLU A 173 6.84 -2.12 20.09
N ASP A 174 7.48 -0.99 19.82
CA ASP A 174 6.81 0.20 19.28
C ASP A 174 5.97 -0.13 18.08
N TYR A 175 6.60 -0.80 17.13
CA TYR A 175 6.01 -1.08 15.84
C TYR A 175 4.89 -2.09 16.00
N SER A 176 5.11 -3.09 16.84
CA SER A 176 4.05 -4.04 17.24
C SER A 176 2.80 -3.36 17.82
N LYS A 177 2.99 -2.31 18.59
CA LYS A 177 1.84 -1.61 19.15
C LYS A 177 1.36 -0.49 18.22
N ALA A 178 2.15 -0.20 17.18
CA ALA A 178 1.69 0.50 15.98
C ALA A 178 1.00 -0.42 14.93
N ASN A 179 0.72 -1.67 15.30
CA ASN A 179 -0.02 -2.64 14.48
C ASN A 179 0.75 -3.29 13.31
N ALA A 180 2.07 -3.22 13.31
CA ALA A 180 2.86 -4.06 12.44
C ALA A 180 2.57 -5.52 12.80
N ALA A 181 2.46 -6.36 11.78
CA ALA A 181 2.04 -7.73 11.95
C ALA A 181 3.22 -8.61 12.23
N VAL A 182 4.21 -8.58 11.33
CA VAL A 182 5.36 -9.49 11.38
C VAL A 182 6.68 -8.73 11.23
N VAL A 183 7.80 -9.46 11.38
CA VAL A 183 9.16 -8.92 11.18
C VAL A 183 10.01 -9.89 10.37
N GLU A 184 10.72 -9.36 9.38
CA GLU A 184 11.67 -10.17 8.61
C GLU A 184 12.79 -9.26 8.14
N LEU A 185 13.57 -9.63 7.12
CA LEU A 185 14.82 -8.91 6.83
C LEU A 185 14.83 -7.90 5.68
N GLU A 186 14.15 -8.20 4.59
CA GLU A 186 14.45 -7.57 3.30
C GLU A 186 13.28 -7.06 2.44
N LEU A 187 12.06 -7.16 2.93
CA LEU A 187 10.90 -6.87 2.09
C LEU A 187 10.80 -5.38 1.75
N ALA A 188 11.08 -4.54 2.74
CA ALA A 188 11.23 -3.09 2.52
C ALA A 188 12.24 -2.75 1.44
N THR A 189 13.32 -3.53 1.36
CA THR A 189 14.34 -3.31 0.34
C THR A 189 13.79 -3.55 -1.06
N LEU A 190 13.17 -4.69 -1.23
CA LEU A 190 12.51 -5.05 -2.48
C LEU A 190 11.48 -4.01 -2.88
N MET A 191 10.65 -3.58 -1.95
CA MET A 191 9.56 -2.67 -2.31
C MET A 191 10.10 -1.39 -2.89
N VAL A 192 11.07 -0.81 -2.20
CA VAL A 192 11.66 0.47 -2.60
C VAL A 192 12.43 0.33 -3.92
N ILE A 193 13.30 -0.68 -4.02
CA ILE A 193 13.98 -0.92 -5.28
C ILE A 193 12.92 -1.04 -6.37
N GLY A 194 11.90 -1.86 -6.10
CA GLY A 194 10.75 -2.00 -6.99
C GLY A 194 10.17 -0.69 -7.42
N THR A 195 9.86 0.16 -6.46
CA THR A 195 9.21 1.44 -6.75
C THR A 195 10.11 2.36 -7.54
N LEU A 196 11.39 2.39 -7.17
CA LEU A 196 12.40 3.14 -7.91
C LEU A 196 12.51 2.66 -9.36
N ARG A 197 12.61 1.34 -9.53
CA ARG A 197 12.84 0.74 -10.84
C ARG A 197 11.55 0.45 -11.63
N LYS A 198 10.40 0.89 -11.15
CA LYS A 198 9.10 0.57 -11.78
C LYS A 198 8.78 -0.92 -11.89
N VAL A 199 9.20 -1.70 -10.90
CA VAL A 199 8.93 -3.12 -10.82
C VAL A 199 7.91 -3.38 -9.70
N LYS A 200 6.88 -4.16 -10.03
CA LYS A 200 5.77 -4.45 -9.10
C LYS A 200 6.21 -5.53 -8.13
N THR A 201 5.97 -5.34 -6.84
CA THR A 201 6.49 -6.23 -5.81
C THR A 201 5.43 -6.61 -4.82
N GLY A 202 5.71 -7.68 -4.09
CA GLY A 202 4.87 -8.14 -2.99
C GLY A 202 5.62 -9.13 -2.14
N GLY A 203 5.07 -9.48 -0.99
CA GLY A 203 5.62 -10.56 -0.18
C GLY A 203 4.58 -11.42 0.52
N ILE A 204 4.92 -12.68 0.69
CA ILE A 204 4.13 -13.64 1.47
C ILE A 204 5.05 -14.41 2.43
N LEU A 205 4.66 -14.50 3.70
CA LEU A 205 5.55 -14.93 4.78
C LEU A 205 4.87 -15.93 5.68
N ILE A 206 5.64 -16.90 6.19
CA ILE A 206 5.15 -17.89 7.17
C ILE A 206 5.89 -17.71 8.49
N VAL A 207 5.19 -17.84 9.61
CA VAL A 207 5.75 -17.46 10.91
C VAL A 207 6.72 -18.52 11.44
N ASP A 208 7.87 -18.06 11.96
CA ASP A 208 8.87 -18.90 12.62
C ASP A 208 8.77 -18.75 14.14
N GLY A 209 9.51 -17.78 14.70
CA GLY A 209 9.57 -17.58 16.15
C GLY A 209 8.65 -16.45 16.60
N CYS A 210 9.03 -15.81 17.72
CA CYS A 210 8.24 -14.71 18.29
C CYS A 210 9.05 -13.93 19.34
N PRO A 211 9.85 -12.95 18.88
CA PRO A 211 10.58 -12.11 19.82
C PRO A 211 9.72 -11.00 20.44
N HIS A 226 3.39 -28.67 7.30
CA HIS A 226 2.32 -28.83 6.32
C HIS A 226 1.90 -27.49 5.70
N GLN A 227 1.59 -26.51 6.55
CA GLN A 227 1.22 -25.13 6.12
C GLN A 227 2.17 -24.47 5.09
N LEU A 228 3.47 -24.74 5.23
CA LEU A 228 4.46 -24.26 4.29
C LEU A 228 4.09 -24.59 2.84
N GLU A 229 3.55 -25.79 2.59
CA GLU A 229 3.15 -26.22 1.25
C GLU A 229 2.01 -25.37 0.65
N ASN A 230 1.09 -24.95 1.51
CA ASN A 230 -0.04 -24.13 1.09
C ASN A 230 0.47 -22.79 0.63
N MET A 231 1.25 -22.14 1.50
CA MET A 231 1.97 -20.89 1.16
C MET A 231 2.66 -20.94 -0.20
N ILE A 232 3.46 -21.99 -0.41
CA ILE A 232 4.16 -22.16 -1.68
C ILE A 232 3.17 -22.23 -2.83
N LYS A 233 2.07 -22.93 -2.61
CA LYS A 233 0.98 -23.02 -3.59
C LYS A 233 0.35 -21.66 -3.91
N ILE A 234 0.12 -20.87 -2.88
CA ILE A 234 -0.36 -19.49 -3.05
C ILE A 234 0.64 -18.70 -3.88
N ALA A 235 1.90 -18.76 -3.46
CA ALA A 235 2.97 -18.04 -4.11
C ALA A 235 3.05 -18.43 -5.58
N LEU A 236 3.09 -19.74 -5.82
CA LEU A 236 3.21 -20.26 -7.18
C LEU A 236 2.01 -19.94 -8.02
N GLY A 237 0.84 -20.04 -7.39
CA GLY A 237 -0.43 -19.74 -8.05
C GLY A 237 -0.51 -18.29 -8.45
N ALA A 238 -0.13 -17.42 -7.53
CA ALA A 238 -0.11 -15.97 -7.76
C ALA A 238 0.85 -15.60 -8.89
N CYS A 239 2.03 -16.22 -8.89
CA CYS A 239 3.02 -15.96 -9.92
C CYS A 239 2.47 -16.30 -11.29
N ALA A 240 1.87 -17.49 -11.38
CA ALA A 240 1.26 -17.94 -12.63
C ALA A 240 0.20 -16.96 -13.10
N LYS A 241 -0.66 -16.54 -12.17
CA LYS A 241 -1.74 -15.59 -12.48
C LYS A 241 -1.19 -14.27 -13.02
N LEU A 242 -0.10 -13.78 -12.45
CA LEU A 242 0.55 -12.54 -12.90
C LEU A 242 1.27 -12.72 -14.21
N ALA A 243 1.92 -13.86 -14.39
CA ALA A 243 2.67 -14.20 -15.60
C ALA A 243 1.81 -14.12 -16.86
N THR A 244 0.52 -14.45 -16.71
CA THR A 244 -0.49 -14.34 -17.77
C THR A 244 -0.47 -13.03 -18.54
N LYS A 245 -0.32 -11.93 -17.82
CA LYS A 245 -0.46 -10.61 -18.40
C LYS A 245 0.75 -10.13 -19.21
N TYR A 246 1.86 -10.87 -19.17
CA TYR A 246 3.06 -10.54 -19.94
C TYR A 246 3.38 -11.55 -21.06
N ALA A 247 2.93 -12.80 -20.90
CA ALA A 247 2.93 -13.76 -22.00
C ALA A 247 1.84 -13.41 -23.02
N ASN B 5 -23.41 14.27 25.69
CA ASN B 5 -22.86 13.06 25.00
C ASN B 5 -22.44 13.36 23.55
N LEU B 6 -21.74 14.50 23.35
CA LEU B 6 -21.19 14.89 22.04
C LEU B 6 -19.72 15.29 22.08
N LEU B 7 -19.10 15.39 20.88
CA LEU B 7 -17.65 15.46 20.70
C LEU B 7 -17.11 16.87 20.60
N ARG B 8 -15.81 17.00 20.87
CA ARG B 8 -15.20 18.28 21.16
C ARG B 8 -15.04 19.17 19.95
N HIS B 9 -14.14 18.81 19.03
CA HIS B 9 -13.80 19.69 17.88
C HIS B 9 -14.78 19.59 16.69
N LEU B 10 -15.57 18.52 16.64
CA LEU B 10 -16.53 18.28 15.54
C LEU B 10 -17.95 18.74 15.85
N LYS B 11 -18.33 18.68 17.12
CA LYS B 11 -19.64 19.12 17.61
C LYS B 11 -20.76 18.24 17.10
N ILE B 12 -20.52 16.93 17.06
CA ILE B 12 -21.57 15.98 16.69
C ILE B 12 -21.49 14.76 17.59
N SER B 13 -22.57 13.99 17.62
CA SER B 13 -22.69 12.86 18.53
C SER B 13 -21.88 11.68 17.99
N LYS B 14 -21.36 10.86 18.90
CA LYS B 14 -20.75 9.56 18.54
C LYS B 14 -21.75 8.63 17.84
N GLU B 15 -23.03 8.79 18.17
CA GLU B 15 -24.13 8.07 17.49
C GLU B 15 -24.15 8.46 16.01
N GLN B 16 -24.03 9.76 15.75
CA GLN B 16 -24.03 10.31 14.39
C GLN B 16 -22.83 9.91 13.53
N ILE B 17 -21.71 9.53 14.15
CA ILE B 17 -20.53 9.10 13.37
C ILE B 17 -20.76 7.75 12.70
N THR B 18 -20.60 7.76 11.36
CA THR B 18 -20.85 6.61 10.51
C THR B 18 -19.55 5.79 10.34
N PRO B 19 -19.66 4.49 10.00
CA PRO B 19 -18.50 3.65 9.68
C PRO B 19 -17.58 4.29 8.66
N VAL B 20 -18.17 4.77 7.57
CA VAL B 20 -17.44 5.39 6.49
C VAL B 20 -17.56 6.89 6.61
N VAL B 21 -16.44 7.60 6.46
CA VAL B 21 -16.40 9.05 6.53
C VAL B 21 -15.52 9.57 5.43
N LEU B 22 -15.94 10.70 4.84
CA LEU B 22 -15.25 11.34 3.76
C LEU B 22 -14.73 12.65 4.28
N VAL B 23 -13.44 12.91 4.13
CA VAL B 23 -12.84 14.12 4.69
C VAL B 23 -12.31 14.98 3.59
N VAL B 24 -12.64 16.27 3.65
CA VAL B 24 -12.17 17.25 2.67
C VAL B 24 -11.54 18.46 3.37
N GLY B 25 -10.97 19.37 2.59
CA GLY B 25 -10.16 20.47 3.14
C GLY B 25 -10.97 21.71 3.40
N ASP B 26 -11.29 22.41 2.31
CA ASP B 26 -12.09 23.63 2.33
C ASP B 26 -13.56 23.29 2.64
N PRO B 27 -14.19 23.99 3.59
CA PRO B 27 -15.63 23.75 3.85
C PRO B 27 -16.58 24.10 2.68
N GLY B 28 -16.12 24.89 1.72
CA GLY B 28 -16.86 25.13 0.47
C GLY B 28 -16.95 23.90 -0.43
N ARG B 29 -15.88 23.11 -0.44
CA ARG B 29 -15.88 21.82 -1.13
C ARG B 29 -16.90 20.84 -0.54
N VAL B 30 -17.24 20.98 0.75
CA VAL B 30 -18.36 20.21 1.34
C VAL B 30 -19.69 20.66 0.75
N ASP B 31 -19.89 21.96 0.60
CA ASP B 31 -21.09 22.47 -0.07
C ASP B 31 -21.20 21.97 -1.53
N LYS B 32 -20.07 21.83 -2.21
CA LYS B 32 -20.03 21.30 -3.59
C LYS B 32 -20.31 19.78 -3.70
N ILE B 33 -20.21 19.07 -2.58
CA ILE B 33 -20.47 17.62 -2.48
C ILE B 33 -21.93 17.33 -2.11
N LYS B 34 -22.48 18.07 -1.15
CA LYS B 34 -23.90 18.10 -0.85
C LYS B 34 -24.81 18.00 -2.07
N VAL B 35 -24.52 18.88 -3.03
CA VAL B 35 -25.32 19.01 -4.27
C VAL B 35 -25.31 17.68 -5.05
N VAL B 36 -24.13 17.06 -5.10
CA VAL B 36 -23.90 15.84 -5.86
C VAL B 36 -24.58 14.61 -5.23
N CYS B 37 -24.85 14.65 -3.92
CA CYS B 37 -25.52 13.55 -3.24
C CYS B 37 -26.97 13.43 -3.63
N ASP B 38 -27.56 12.29 -3.28
CA ASP B 38 -28.99 12.06 -3.49
C ASP B 38 -29.76 12.93 -2.51
N SER B 39 -29.40 12.81 -1.24
CA SER B 39 -29.91 13.69 -0.19
C SER B 39 -28.85 13.86 0.90
N TYR B 40 -29.13 14.76 1.84
CA TYR B 40 -28.23 15.05 2.94
C TYR B 40 -28.90 15.72 4.14
N VAL B 41 -28.19 15.68 5.26
CA VAL B 41 -28.58 16.39 6.47
C VAL B 41 -27.33 17.08 7.02
N ASP B 42 -27.41 18.40 7.25
CA ASP B 42 -26.36 19.09 8.01
C ASP B 42 -26.37 18.67 9.49
N LEU B 43 -25.19 18.46 10.06
CA LEU B 43 -25.05 18.06 11.47
C LEU B 43 -24.55 19.20 12.38
N ALA B 44 -23.52 19.93 11.94
CA ALA B 44 -22.89 21.02 12.74
C ALA B 44 -21.90 21.86 11.92
N TYR B 45 -21.50 23.00 12.49
CA TYR B 45 -20.48 23.87 11.90
C TYR B 45 -19.73 24.63 13.00
N ASN B 46 -18.41 24.49 13.06
CA ASN B 46 -17.62 24.93 14.22
C ASN B 46 -16.26 25.53 13.84
N ARG B 47 -16.23 26.85 13.65
CA ARG B 47 -14.99 27.58 13.32
C ARG B 47 -14.44 27.18 11.95
N GLU B 48 -13.95 25.94 11.83
CA GLU B 48 -13.50 25.39 10.54
C GLU B 48 -14.02 23.97 10.20
N TYR B 49 -14.93 23.42 11.02
CA TYR B 49 -15.31 22.00 10.98
C TYR B 49 -16.80 21.76 10.62
N LYS B 50 -17.11 21.74 9.31
CA LYS B 50 -18.47 21.45 8.81
C LYS B 50 -18.70 19.95 8.69
N SER B 51 -19.82 19.44 9.20
CA SER B 51 -20.15 18.02 9.17
C SER B 51 -21.58 17.74 8.66
N VAL B 52 -21.69 16.92 7.60
CA VAL B 52 -22.94 16.65 6.89
C VAL B 52 -23.14 15.14 6.78
N GLU B 53 -24.35 14.66 7.04
CA GLU B 53 -24.72 13.25 6.74
C GLU B 53 -25.08 13.17 5.26
N CYS B 54 -24.38 12.32 4.50
CA CYS B 54 -24.60 12.19 3.05
C CYS B 54 -25.33 10.89 2.74
N HIS B 55 -26.44 10.98 2.01
CA HIS B 55 -27.09 9.79 1.50
C HIS B 55 -26.76 9.65 0.02
N TYR B 56 -26.24 8.49 -0.36
CA TYR B 56 -25.92 8.24 -1.76
C TYR B 56 -25.91 6.74 -2.06
N LYS B 57 -26.38 6.39 -3.26
CA LYS B 57 -26.68 5.00 -3.67
C LYS B 57 -27.21 4.06 -2.55
N GLY B 58 -28.12 4.56 -1.73
CA GLY B 58 -28.76 3.76 -0.68
C GLY B 58 -28.05 3.75 0.66
N GLN B 59 -26.85 4.31 0.72
CA GLN B 59 -26.02 4.27 1.92
C GLN B 59 -25.90 5.65 2.56
N LYS B 60 -25.56 5.64 3.85
CA LYS B 60 -25.40 6.85 4.64
C LYS B 60 -23.99 6.95 5.27
N PHE B 61 -23.33 8.08 5.05
CA PHE B 61 -21.96 8.28 5.55
C PHE B 61 -21.65 9.77 5.77
N LEU B 62 -20.79 10.06 6.74
CA LEU B 62 -20.42 11.44 7.02
C LEU B 62 -19.51 12.04 5.95
N CYS B 63 -19.69 13.33 5.72
CA CYS B 63 -18.68 14.16 5.10
C CYS B 63 -18.30 15.25 6.10
N VAL B 64 -17.00 15.53 6.24
CA VAL B 64 -16.50 16.51 7.20
C VAL B 64 -15.34 17.31 6.60
N SER B 65 -15.28 18.61 6.90
CA SER B 65 -14.12 19.45 6.59
C SER B 65 -13.34 19.80 7.88
N HIS B 66 -12.17 20.43 7.72
CA HIS B 66 -11.39 20.97 8.85
C HIS B 66 -10.51 22.21 8.58
N GLY B 67 -10.54 22.76 7.37
CA GLY B 67 -9.72 23.91 7.00
C GLY B 67 -8.71 23.62 5.91
N VAL B 68 -8.21 24.70 5.31
CA VAL B 68 -7.08 24.64 4.36
C VAL B 68 -5.74 24.50 5.11
N GLY B 69 -4.66 24.37 4.34
CA GLY B 69 -3.29 24.48 4.85
C GLY B 69 -2.92 23.59 6.03
N SER B 70 -3.51 22.39 6.06
CA SER B 70 -3.29 21.38 7.11
C SER B 70 -3.71 21.87 8.50
N ALA B 71 -4.87 22.53 8.57
CA ALA B 71 -5.27 23.26 9.78
C ALA B 71 -5.26 22.35 11.03
N GLY B 72 -6.37 21.72 11.35
CA GLY B 72 -6.46 20.82 12.50
C GLY B 72 -6.93 19.46 12.02
N CYS B 73 -6.28 18.98 10.96
CA CYS B 73 -6.59 17.68 10.40
C CYS B 73 -6.30 16.54 11.38
N ALA B 74 -5.15 16.64 12.05
CA ALA B 74 -4.72 15.63 13.03
C ALA B 74 -5.80 15.34 14.07
N VAL B 75 -6.36 16.40 14.64
CA VAL B 75 -7.38 16.25 15.66
C VAL B 75 -8.68 15.75 15.06
N CYS B 76 -8.96 16.18 13.83
CA CYS B 76 -10.10 15.66 13.08
C CYS B 76 -10.00 14.16 12.90
N PHE B 77 -8.86 13.69 12.36
CA PHE B 77 -8.66 12.26 12.15
C PHE B 77 -8.66 11.51 13.48
N GLU B 78 -8.04 12.11 14.49
CA GLU B 78 -7.99 11.50 15.83
C GLU B 78 -9.40 11.29 16.34
N GLU B 79 -10.19 12.37 16.30
CA GLU B 79 -11.55 12.36 16.81
C GLU B 79 -12.38 11.26 16.14
N LEU B 80 -12.31 11.21 14.82
CA LEU B 80 -13.02 10.19 14.04
C LEU B 80 -12.57 8.78 14.39
N CYS B 81 -11.27 8.55 14.50
CA CYS B 81 -10.79 7.19 14.80
C CYS B 81 -11.16 6.74 16.20
N GLN B 82 -11.09 7.65 17.18
CA GLN B 82 -11.52 7.37 18.56
C GLN B 82 -12.97 6.89 18.61
N ASN B 83 -13.85 7.60 17.91
CA ASN B 83 -15.30 7.48 18.10
C ASN B 83 -16.09 6.75 17.02
N GLY B 84 -15.48 5.71 16.43
CA GLY B 84 -16.22 4.74 15.61
C GLY B 84 -15.96 4.62 14.10
N ALA B 85 -15.30 5.61 13.49
CA ALA B 85 -14.99 5.55 12.05
C ALA B 85 -14.19 4.29 11.76
N LYS B 86 -14.63 3.53 10.76
CA LYS B 86 -13.95 2.31 10.31
C LYS B 86 -13.20 2.52 9.00
N VAL B 87 -13.67 3.50 8.21
CA VAL B 87 -13.08 3.83 6.92
C VAL B 87 -13.08 5.31 6.80
N ILE B 88 -11.98 5.89 6.29
CA ILE B 88 -11.87 7.33 6.13
C ILE B 88 -11.16 7.59 4.82
N ILE B 89 -11.69 8.50 4.02
CA ILE B 89 -11.14 8.80 2.71
C ILE B 89 -10.99 10.29 2.61
N ARG B 90 -9.82 10.71 2.13
CA ARG B 90 -9.51 12.11 1.92
C ARG B 90 -9.61 12.41 0.42
N ALA B 91 -10.41 13.43 0.08
CA ALA B 91 -10.44 14.01 -1.27
C ALA B 91 -9.98 15.45 -1.24
N GLY B 92 -9.10 15.82 -2.16
CA GLY B 92 -8.54 17.16 -2.16
C GLY B 92 -7.65 17.43 -3.35
N SER B 93 -6.80 18.43 -3.25
CA SER B 93 -5.94 18.85 -4.35
C SER B 93 -4.49 18.58 -4.06
N CYS B 94 -3.65 18.67 -5.08
CA CYS B 94 -2.23 18.32 -4.98
C CYS B 94 -1.44 18.89 -6.15
N GLY B 95 -0.14 18.71 -6.15
CA GLY B 95 0.73 19.19 -7.23
C GLY B 95 1.39 18.04 -7.95
N SER B 96 1.47 18.11 -9.27
CA SER B 96 2.12 17.07 -10.04
C SER B 96 3.62 17.12 -9.77
N LEU B 97 4.22 15.95 -9.54
CA LEU B 97 5.68 15.81 -9.52
C LEU B 97 6.18 15.05 -10.75
N GLN B 98 5.29 14.84 -11.72
CA GLN B 98 5.67 14.25 -13.01
C GLN B 98 5.06 15.12 -14.12
N PRO B 99 5.60 16.34 -14.30
CA PRO B 99 5.00 17.34 -15.20
C PRO B 99 4.68 16.86 -16.62
N ASP B 100 5.59 16.09 -17.21
CA ASP B 100 5.39 15.57 -18.58
C ASP B 100 4.21 14.58 -18.69
N LEU B 101 4.05 13.72 -17.67
CA LEU B 101 2.98 12.73 -17.62
C LEU B 101 1.70 13.28 -16.98
N ILE B 102 1.81 13.71 -15.73
CA ILE B 102 0.66 14.13 -14.94
C ILE B 102 0.48 15.64 -15.08
N LYS B 103 -0.68 16.03 -15.61
CA LYS B 103 -0.97 17.43 -15.98
C LYS B 103 -2.09 18.03 -15.14
N ARG B 104 -2.05 19.35 -14.98
CA ARG B 104 -3.12 20.11 -14.30
C ARG B 104 -4.48 19.63 -14.81
N GLY B 105 -5.34 19.18 -13.89
CA GLY B 105 -6.62 18.58 -14.24
C GLY B 105 -6.73 17.09 -13.95
N ASP B 106 -5.59 16.39 -13.97
CA ASP B 106 -5.61 14.92 -13.79
C ASP B 106 -6.00 14.49 -12.35
N ILE B 107 -6.57 13.31 -12.23
CA ILE B 107 -6.97 12.75 -10.94
C ILE B 107 -5.97 11.66 -10.54
N CYS B 108 -5.62 11.61 -9.24
CA CYS B 108 -4.73 10.58 -8.71
C CYS B 108 -5.30 9.92 -7.49
N ILE B 109 -5.34 8.59 -7.52
CA ILE B 109 -5.75 7.81 -6.35
C ILE B 109 -4.43 7.36 -5.77
N CYS B 110 -4.23 7.59 -4.48
CA CYS B 110 -2.95 7.30 -3.84
C CYS B 110 -3.08 6.16 -2.85
N ASN B 111 -2.10 5.27 -2.94
CA ASN B 111 -1.99 4.10 -2.06
C ASN B 111 -1.03 4.28 -0.88
N ALA B 112 -0.19 5.31 -0.95
CA ALA B 112 0.85 5.53 0.06
C ALA B 112 1.41 6.94 -0.03
N ALA B 113 2.13 7.39 1.00
CA ALA B 113 2.70 8.74 0.99
C ALA B 113 4.08 8.87 1.63
N VAL B 114 4.79 9.91 1.21
CA VAL B 114 6.07 10.29 1.79
C VAL B 114 5.80 11.17 3.01
N ARG B 115 6.30 10.72 4.15
CA ARG B 115 6.10 11.41 5.43
C ARG B 115 7.03 12.67 5.63
N GLU B 116 6.76 13.75 4.90
CA GLU B 116 7.38 15.06 5.11
C GLU B 116 6.46 15.97 5.94
N ASP B 117 5.85 15.39 6.98
CA ASP B 117 4.79 16.06 7.75
C ASP B 117 5.18 16.03 9.22
N ARG B 118 5.04 17.17 9.89
CA ARG B 118 5.38 17.26 11.31
C ARG B 118 4.73 16.10 12.10
N VAL B 119 3.41 16.04 11.99
CA VAL B 119 2.62 15.27 12.96
C VAL B 119 2.86 13.75 12.96
N SER B 120 3.00 13.12 11.80
CA SER B 120 3.19 11.66 11.80
C SER B 120 4.45 11.23 12.52
N HIS B 121 5.49 12.06 12.45
CA HIS B 121 6.78 11.77 13.09
C HIS B 121 6.70 11.86 14.62
N LEU B 122 5.86 12.78 15.12
CA LEU B 122 5.53 12.79 16.56
C LEU B 122 4.84 11.51 17.08
N LEU B 123 4.30 10.67 16.19
CA LEU B 123 3.52 9.49 16.58
C LEU B 123 4.23 8.18 16.45
N ILE B 124 5.13 8.07 15.46
CA ILE B 124 5.89 6.84 15.23
C ILE B 124 7.13 7.17 14.39
N HIS B 125 8.17 6.36 14.54
CA HIS B 125 9.43 6.57 13.83
C HIS B 125 9.20 6.64 12.31
N GLY B 126 9.85 7.61 11.66
CA GLY B 126 9.75 7.83 10.19
C GLY B 126 9.88 6.63 9.25
N ASP B 127 10.55 5.58 9.71
CA ASP B 127 10.66 4.31 8.97
C ASP B 127 9.33 3.59 8.70
N PHE B 128 8.33 3.86 9.54
CA PHE B 128 7.02 3.26 9.47
C PHE B 128 6.29 3.82 8.26
N PRO B 129 5.72 2.94 7.41
CA PRO B 129 5.08 3.39 6.16
C PRO B 129 3.76 4.11 6.39
N ALA B 130 3.59 5.22 5.67
CA ALA B 130 2.30 5.82 5.46
C ALA B 130 1.69 5.10 4.26
N VAL B 131 0.74 4.20 4.54
CA VAL B 131 0.11 3.35 3.53
C VAL B 131 -1.40 3.18 3.77
N GLY B 132 -2.17 3.24 2.67
CA GLY B 132 -3.62 3.19 2.73
C GLY B 132 -4.08 1.75 2.77
N ASP B 133 -5.37 1.53 3.09
CA ASP B 133 -5.99 0.22 2.97
C ASP B 133 -6.13 -0.15 1.50
N PHE B 134 -5.86 -1.41 1.17
CA PHE B 134 -5.90 -1.77 -0.26
C PHE B 134 -7.35 -1.90 -0.76
N ASP B 135 -8.28 -2.37 0.06
CA ASP B 135 -9.66 -2.52 -0.37
C ASP B 135 -10.30 -1.14 -0.64
N VAL B 136 -9.87 -0.13 0.11
CA VAL B 136 -10.29 1.25 -0.15
C VAL B 136 -9.76 1.75 -1.49
N TYR B 137 -8.49 1.45 -1.76
CA TYR B 137 -7.84 1.78 -3.03
C TYR B 137 -8.50 1.06 -4.23
N ASP B 138 -8.81 -0.22 -4.03
CA ASP B 138 -9.47 -1.03 -5.04
C ASP B 138 -10.82 -0.43 -5.41
N THR B 139 -11.60 -0.16 -4.37
CA THR B 139 -12.92 0.47 -4.47
C THR B 139 -12.92 1.80 -5.19
N LEU B 140 -11.91 2.62 -4.97
CA LEU B 140 -11.81 3.90 -5.65
C LEU B 140 -11.52 3.71 -7.12
N ASN B 141 -10.58 2.82 -7.44
CA ASN B 141 -10.23 2.53 -8.84
C ASN B 141 -11.43 2.02 -9.65
N LYS B 142 -12.17 1.08 -9.06
CA LYS B 142 -13.33 0.48 -9.72
C LYS B 142 -14.47 1.44 -9.95
N CYS B 143 -14.72 2.36 -9.02
CA CYS B 143 -15.66 3.45 -9.29
C CYS B 143 -15.18 4.33 -10.44
N ALA B 144 -13.90 4.66 -10.48
CA ALA B 144 -13.39 5.57 -11.51
C ALA B 144 -13.44 4.93 -12.89
N GLN B 145 -13.19 3.62 -12.95
CA GLN B 145 -13.30 2.87 -14.21
C GLN B 145 -14.77 2.63 -14.57
N GLU B 146 -15.60 2.24 -13.59
CA GLU B 146 -17.05 2.11 -13.80
C GLU B 146 -17.69 3.34 -14.43
N LEU B 147 -17.17 4.52 -14.12
CA LEU B 147 -17.64 5.77 -14.70
C LEU B 147 -16.71 6.23 -15.82
N ASN B 148 -15.95 5.30 -16.39
CA ASN B 148 -15.01 5.58 -17.49
C ASN B 148 -14.32 6.93 -17.30
N VAL B 149 -13.62 7.04 -16.18
CA VAL B 149 -12.84 8.22 -15.84
C VAL B 149 -11.40 7.76 -15.71
N PRO B 150 -10.50 8.32 -16.54
CA PRO B 150 -9.10 7.93 -16.43
C PRO B 150 -8.49 8.54 -15.17
N VAL B 151 -7.69 7.76 -14.45
CA VAL B 151 -7.10 8.19 -13.17
C VAL B 151 -5.69 7.65 -13.06
N PHE B 152 -4.80 8.42 -12.46
CA PHE B 152 -3.47 7.92 -12.13
C PHE B 152 -3.50 7.26 -10.75
N ASN B 153 -2.56 6.34 -10.58
CA ASN B 153 -2.30 5.75 -9.30
C ASN B 153 -0.86 6.03 -8.96
N GLY B 154 -0.60 6.40 -7.69
CA GLY B 154 0.77 6.58 -7.23
C GLY B 154 0.92 7.12 -5.83
N ILE B 155 2.16 7.49 -5.51
CA ILE B 155 2.56 7.90 -4.18
C ILE B 155 2.51 9.43 -4.07
N SER B 156 2.02 9.90 -2.93
CA SER B 156 2.00 11.32 -2.63
C SER B 156 3.13 11.74 -1.70
N VAL B 157 3.69 12.92 -1.92
CA VAL B 157 4.55 13.55 -0.94
C VAL B 157 3.67 14.42 -0.06
N SER B 158 3.48 14.03 1.20
CA SER B 158 2.71 14.86 2.14
C SER B 158 3.67 15.82 2.82
N SER B 159 3.71 17.08 2.38
CA SER B 159 4.68 18.10 2.83
C SER B 159 4.03 19.38 3.39
N ASP B 160 4.54 19.87 4.53
CA ASP B 160 4.02 21.08 5.19
C ASP B 160 4.44 22.43 4.57
N MET B 161 5.16 22.42 3.45
CA MET B 161 5.44 23.61 2.65
C MET B 161 4.68 23.55 1.32
N PRO B 169 14.76 21.77 0.68
CA PRO B 169 14.17 22.70 -0.29
C PRO B 169 13.70 22.00 -1.56
N SER B 170 14.63 21.26 -2.17
CA SER B 170 14.39 20.52 -3.39
C SER B 170 14.80 19.03 -3.24
N ARG B 171 14.46 18.45 -2.08
CA ARG B 171 14.18 17.01 -1.94
C ARG B 171 13.09 16.55 -2.93
N LEU B 172 12.12 17.42 -3.19
CA LEU B 172 11.06 17.15 -4.15
C LEU B 172 11.58 16.64 -5.50
N GLU B 173 12.78 17.10 -5.90
CA GLU B 173 13.42 16.53 -7.09
C GLU B 173 13.70 15.04 -6.85
N ASP B 174 14.33 14.72 -5.72
CA ASP B 174 14.68 13.34 -5.35
C ASP B 174 13.48 12.43 -5.45
N TYR B 175 12.41 12.86 -4.79
CA TYR B 175 11.21 12.05 -4.66
C TYR B 175 10.53 11.88 -6.00
N SER B 176 10.50 12.96 -6.77
CA SER B 176 10.02 12.93 -8.15
C SER B 176 10.77 11.93 -9.03
N LYS B 177 12.08 11.81 -8.84
CA LYS B 177 12.83 10.85 -9.63
C LYS B 177 12.89 9.48 -8.97
N ALA B 178 12.45 9.41 -7.71
CA ALA B 178 12.03 8.16 -7.07
C ALA B 178 10.56 7.73 -7.40
N ASN B 179 9.92 8.42 -8.36
CA ASN B 179 8.60 8.08 -8.89
C ASN B 179 7.39 8.45 -8.01
N ALA B 180 7.58 9.31 -7.03
CA ALA B 180 6.44 9.96 -6.37
C ALA B 180 5.66 10.72 -7.42
N ALA B 181 4.34 10.62 -7.35
CA ALA B 181 3.48 11.12 -8.41
C ALA B 181 3.10 12.55 -8.13
N VAL B 182 2.54 12.80 -6.95
CA VAL B 182 2.02 14.10 -6.57
C VAL B 182 2.52 14.55 -5.19
N VAL B 183 2.19 15.78 -4.81
CA VAL B 183 2.50 16.37 -3.49
C VAL B 183 1.30 17.11 -2.90
N GLU B 184 0.99 16.85 -1.64
CA GLU B 184 -0.06 17.59 -0.93
C GLU B 184 0.30 17.67 0.54
N LEU B 185 -0.63 17.92 1.46
CA LEU B 185 -0.25 18.28 2.84
C LEU B 185 -0.41 17.22 3.91
N GLU B 186 -1.48 16.42 3.87
CA GLU B 186 -1.88 15.66 5.07
C GLU B 186 -2.21 14.17 4.94
N LEU B 187 -2.02 13.60 3.76
CA LEU B 187 -2.47 12.23 3.51
C LEU B 187 -1.67 11.21 4.31
N ALA B 188 -0.35 11.43 4.36
CA ALA B 188 0.52 10.65 5.25
C ALA B 188 0.04 10.66 6.70
N THR B 189 -0.48 11.79 7.16
CA THR B 189 -0.97 11.89 8.54
C THR B 189 -2.17 10.96 8.79
N LEU B 190 -3.16 11.05 7.89
CA LEU B 190 -4.33 10.18 7.94
C LEU B 190 -3.93 8.71 7.91
N MET B 191 -3.02 8.36 7.00
CA MET B 191 -2.72 6.94 6.82
C MET B 191 -2.17 6.34 8.10
N VAL B 192 -1.20 7.04 8.68
CA VAL B 192 -0.53 6.58 9.89
C VAL B 192 -1.50 6.55 11.06
N ILE B 193 -2.23 7.63 11.31
CA ILE B 193 -3.23 7.62 12.36
C ILE B 193 -4.14 6.42 12.14
N GLY B 194 -4.62 6.27 10.89
CA GLY B 194 -5.41 5.12 10.50
C GLY B 194 -4.79 3.81 10.91
N THR B 195 -3.54 3.61 10.54
CA THR B 195 -2.86 2.35 10.81
C THR B 195 -2.67 2.10 12.29
N LEU B 196 -2.31 3.16 13.01
CA LEU B 196 -2.21 3.11 14.48
C LEU B 196 -3.55 2.76 15.13
N ARG B 197 -4.61 3.44 14.71
CA ARG B 197 -5.94 3.27 15.30
C ARG B 197 -6.78 2.14 14.69
N LYS B 198 -6.20 1.31 13.81
CA LYS B 198 -6.94 0.26 13.11
C LYS B 198 -8.13 0.75 12.27
N VAL B 199 -7.98 1.91 11.64
CA VAL B 199 -8.97 2.48 10.75
C VAL B 199 -8.43 2.42 9.31
N LYS B 200 -9.28 1.96 8.38
CA LYS B 200 -8.90 1.83 6.96
C LYS B 200 -8.97 3.19 6.29
N THR B 201 -7.94 3.56 5.53
CA THR B 201 -7.86 4.88 4.92
C THR B 201 -7.53 4.80 3.47
N GLY B 202 -7.74 5.93 2.77
CA GLY B 202 -7.33 6.08 1.38
C GLY B 202 -7.44 7.52 0.96
N GLY B 203 -7.03 7.82 -0.25
CA GLY B 203 -7.03 9.21 -0.71
C GLY B 203 -7.13 9.36 -2.21
N ILE B 204 -7.83 10.41 -2.64
CA ILE B 204 -8.00 10.72 -4.05
C ILE B 204 -7.82 12.23 -4.24
N LEU B 205 -7.02 12.60 -5.24
CA LEU B 205 -6.51 13.97 -5.36
C LEU B 205 -6.61 14.48 -6.78
N ILE B 206 -6.86 15.78 -6.93
CA ILE B 206 -6.92 16.45 -8.26
C ILE B 206 -5.81 17.48 -8.36
N VAL B 207 -5.18 17.59 -9.53
CA VAL B 207 -3.94 18.37 -9.65
C VAL B 207 -4.23 19.87 -9.74
N ASP B 208 -3.41 20.65 -9.02
CA ASP B 208 -3.38 22.13 -9.05
C ASP B 208 -2.25 22.62 -9.98
N GLY B 209 -0.97 22.59 -9.56
CA GLY B 209 0.11 23.00 -10.46
C GLY B 209 1.51 22.62 -10.01
N CYS B 210 2.40 22.36 -10.96
CA CYS B 210 3.74 21.80 -10.71
C CYS B 210 4.82 22.77 -10.10
N PRO B 211 5.81 23.22 -10.93
CA PRO B 211 7.00 24.10 -10.77
C PRO B 211 8.01 23.99 -11.92
N PRO B 225 -11.37 21.11 -14.69
CA PRO B 225 -12.46 21.98 -14.24
C PRO B 225 -13.76 21.19 -14.02
N HIS B 226 -14.46 20.80 -15.09
CA HIS B 226 -15.45 19.70 -15.11
C HIS B 226 -15.01 18.51 -14.22
N GLN B 227 -13.75 18.12 -14.43
CA GLN B 227 -13.08 17.01 -13.75
C GLN B 227 -13.27 16.88 -12.24
N LEU B 228 -13.29 18.00 -11.52
CA LEU B 228 -13.57 17.96 -10.07
C LEU B 228 -14.85 17.17 -9.74
N GLU B 229 -15.88 17.32 -10.57
CA GLU B 229 -17.16 16.61 -10.35
C GLU B 229 -17.03 15.08 -10.49
N ASN B 230 -16.17 14.64 -11.40
CA ASN B 230 -15.94 13.22 -11.61
C ASN B 230 -15.29 12.62 -10.37
N MET B 231 -14.19 13.25 -9.94
CA MET B 231 -13.52 12.91 -8.68
C MET B 231 -14.50 12.76 -7.50
N ILE B 232 -15.34 13.77 -7.30
CA ILE B 232 -16.33 13.73 -6.23
C ILE B 232 -17.23 12.51 -6.38
N LYS B 233 -17.61 12.21 -7.64
CA LYS B 233 -18.42 11.04 -7.95
C LYS B 233 -17.72 9.73 -7.60
N ILE B 234 -16.43 9.66 -7.92
CA ILE B 234 -15.60 8.51 -7.54
C ILE B 234 -15.58 8.36 -6.03
N ALA B 235 -15.28 9.48 -5.36
CA ALA B 235 -15.21 9.50 -3.90
C ALA B 235 -16.52 9.04 -3.29
N LEU B 236 -17.60 9.65 -3.75
CA LEU B 236 -18.94 9.35 -3.23
C LEU B 236 -19.34 7.91 -3.52
N GLY B 237 -19.02 7.47 -4.74
CA GLY B 237 -19.30 6.12 -5.17
C GLY B 237 -18.58 5.09 -4.35
N ALA B 238 -17.30 5.35 -4.15
CA ALA B 238 -16.45 4.48 -3.33
C ALA B 238 -16.95 4.39 -1.89
N CYS B 239 -17.32 5.53 -1.32
CA CYS B 239 -17.83 5.57 0.04
C CYS B 239 -19.07 4.72 0.18
N ALA B 240 -19.99 4.87 -0.77
CA ALA B 240 -21.23 4.10 -0.78
C ALA B 240 -20.92 2.62 -0.81
N LYS B 241 -20.01 2.24 -1.71
CA LYS B 241 -19.63 0.84 -1.88
C LYS B 241 -19.06 0.25 -0.59
N LEU B 242 -18.24 1.04 0.12
CA LEU B 242 -17.64 0.59 1.39
C LEU B 242 -18.66 0.56 2.51
N ALA B 243 -19.56 1.55 2.54
CA ALA B 243 -20.61 1.67 3.55
C ALA B 243 -21.50 0.43 3.62
N THR B 244 -21.71 -0.22 2.48
CA THR B 244 -22.45 -1.47 2.38
C THR B 244 -22.06 -2.55 3.38
N LYS B 245 -20.76 -2.69 3.59
CA LYS B 245 -20.22 -3.78 4.40
C LYS B 245 -20.35 -3.57 5.92
N TYR B 246 -20.78 -2.39 6.35
CA TYR B 246 -21.05 -2.12 7.78
C TYR B 246 -22.53 -1.95 8.10
N ALA B 247 -23.31 -1.43 7.17
CA ALA B 247 -24.78 -1.33 7.34
C ALA B 247 -25.41 -2.70 7.11
P PO4 C . 13.70 -17.50 4.04
O1 PO4 C . 14.93 -18.29 4.42
O2 PO4 C . 12.91 -18.27 3.01
O3 PO4 C . 14.16 -16.23 3.40
O4 PO4 C . 12.86 -17.15 5.25
P PO4 D . -8.52 20.61 -0.47
O1 PO4 D . -7.01 20.50 -0.37
O2 PO4 D . -9.17 19.44 0.21
O3 PO4 D . -8.87 20.64 -1.95
O4 PO4 D . -9.04 21.87 0.18
P PO4 E . 12.86 9.54 13.00
O1 PO4 E . 14.30 9.94 13.14
O2 PO4 E . 12.31 9.13 14.37
O3 PO4 E . 12.83 8.35 12.05
O4 PO4 E . 12.07 10.69 12.39
#